data_5QIS
#
_entry.id   5QIS
#
_cell.length_a   47.421
_cell.length_b   58.750
_cell.length_c   50.099
_cell.angle_alpha   90.000
_cell.angle_beta   116.360
_cell.angle_gamma   90.000
#
_symmetry.space_group_name_H-M   'P 1 21 1'
#
loop_
_entity.id
_entity.type
_entity.pdbx_description
1 polymer 'Ubiquitin thioesterase OTUB2'
2 non-polymer N-(5-methyl-1,2-oxazol-3-yl)acetamide
3 non-polymer DI(HYDROXYETHYL)ETHER
4 non-polymer 1,2-ETHANEDIOL
5 water water
#
_entity_poly.entity_id   1
_entity_poly.type   'polypeptide(L)'
_entity_poly.pdbx_seq_one_letter_code
;FNLISEKCDILSILRDHPENRIYRRKIEELSKRFTAIRKTKGDRNCFYRALGYSYLESLLGKSREIFKFKERVLQTPNDL
LAAGFEEHKFRNFFNAFYSVVELVEKDGSVSSLLKVFNDQSASDHIVQFLRLLTSAFIRNRADFFRHFIDEEMDIKDFCT
HEVEPMATECDHIQITALSQALSIALQVEYVDEMDTALNHHVFPEAATPSVYLLYKTSHYNILYA
;
_entity_poly.pdbx_strand_id   A
#
loop_
_chem_comp.id
_chem_comp.type
_chem_comp.name
_chem_comp.formula
EDO non-polymer 1,2-ETHANEDIOL 'C2 H6 O2'
J5G non-polymer N-(5-methyl-1,2-oxazol-3-yl)acetamide 'C6 H8 N2 O2'
PEG non-polymer DI(HYDROXYETHYL)ETHER 'C4 H10 O3'
#
# COMPACT_ATOMS: atom_id res chain seq x y z
N PHE A 1 10.23 -12.11 10.32
CA PHE A 1 9.39 -10.92 10.18
C PHE A 1 10.26 -9.74 9.69
N ASN A 2 11.13 -9.99 8.70
CA ASN A 2 12.07 -9.03 8.21
C ASN A 2 11.40 -8.02 7.28
N LEU A 3 10.26 -8.33 6.65
CA LEU A 3 9.63 -7.33 5.70
C LEU A 3 8.42 -6.64 6.36
N ILE A 4 7.59 -7.37 7.12
CA ILE A 4 6.44 -6.81 7.84
C ILE A 4 6.44 -7.39 9.27
N SER A 5 6.52 -6.53 10.28
CA SER A 5 6.69 -6.92 11.70
C SER A 5 5.39 -7.42 12.32
N GLU A 6 5.57 -8.02 13.51
CA GLU A 6 4.51 -8.25 14.45
C GLU A 6 3.94 -6.90 14.92
N LYS A 7 2.74 -6.94 15.46
CA LYS A 7 2.12 -5.72 15.98
C LYS A 7 2.82 -5.31 17.27
N CYS A 8 3.02 -4.00 17.46
CA CYS A 8 3.55 -3.41 18.69
CA CYS A 8 3.41 -3.51 18.77
C CYS A 8 2.66 -2.22 19.14
N ASP A 9 2.76 -1.86 20.43
CA ASP A 9 2.08 -0.67 20.98
C ASP A 9 2.61 0.55 20.25
N ILE A 10 1.75 1.54 19.99
CA ILE A 10 2.10 2.78 19.22
C ILE A 10 3.28 3.49 19.91
N LEU A 11 3.30 3.52 21.25
CA LEU A 11 4.34 4.30 21.97
C LEU A 11 5.73 3.64 21.86
N SER A 12 5.78 2.41 21.34
CA SER A 12 7.07 1.75 21.11
C SER A 12 7.98 2.48 20.10
N ILE A 13 7.40 3.34 19.28
CA ILE A 13 8.19 4.05 18.25
C ILE A 13 8.82 5.35 18.80
N LEU A 14 8.50 5.74 20.06
CA LEU A 14 9.26 6.86 20.69
C LEU A 14 10.78 6.64 20.61
N ARG A 15 11.18 5.36 20.76
CA ARG A 15 12.62 4.97 20.79
C ARG A 15 13.32 5.27 19.45
N ASP A 16 12.58 5.45 18.37
CA ASP A 16 13.18 5.70 17.05
C ASP A 16 13.62 7.17 16.90
N HIS A 17 13.17 8.02 17.84
CA HIS A 17 13.35 9.50 17.81
C HIS A 17 13.65 10.04 19.20
N PRO A 18 14.67 9.50 19.89
CA PRO A 18 14.92 9.87 21.27
C PRO A 18 15.24 11.35 21.42
N GLU A 19 14.72 12.03 22.45
CA GLU A 19 15.13 13.47 22.76
C GLU A 19 14.75 14.41 21.59
N ASN A 20 13.72 14.05 20.86
CA ASN A 20 13.18 14.88 19.81
C ASN A 20 11.78 15.39 20.22
N ARG A 21 11.64 16.70 20.55
CA ARG A 21 10.41 17.20 21.19
C ARG A 21 9.24 17.07 20.22
N ILE A 22 9.46 17.44 18.96
CA ILE A 22 8.33 17.46 17.98
C ILE A 22 7.87 16.02 17.65
N TYR A 23 8.78 15.09 17.41
CA TYR A 23 8.38 13.72 17.13
C TYR A 23 7.71 13.12 18.38
N ARG A 24 8.22 13.43 19.58
CA ARG A 24 7.58 12.88 20.80
C ARG A 24 6.13 13.40 20.89
N ARG A 25 5.96 14.73 20.76
CA ARG A 25 4.59 15.37 20.80
C ARG A 25 3.66 14.68 19.78
N LYS A 26 4.10 14.52 18.54
CA LYS A 26 3.20 14.00 17.49
C LYS A 26 2.88 12.51 17.72
N ILE A 27 3.86 11.73 18.17
CA ILE A 27 3.63 10.30 18.47
C ILE A 27 2.66 10.15 19.66
N GLU A 28 2.83 10.98 20.70
CA GLU A 28 1.87 10.97 21.82
C GLU A 28 0.44 11.27 21.34
N GLU A 29 0.31 12.31 20.51
CA GLU A 29 -1.00 12.64 19.97
C GLU A 29 -1.59 11.47 19.13
N LEU A 30 -0.76 10.89 18.29
CA LEU A 30 -1.16 9.72 17.45
C LEU A 30 -1.70 8.57 18.29
N SER A 31 -1.06 8.32 19.44
CA SER A 31 -1.43 7.24 20.37
C SER A 31 -2.84 7.46 20.96
N LYS A 32 -3.40 8.67 20.90
CA LYS A 32 -4.74 8.94 21.44
C LYS A 32 -5.82 8.41 20.47
N ARG A 33 -5.43 8.17 19.19
CA ARG A 33 -6.35 7.81 18.10
C ARG A 33 -6.10 6.39 17.57
N PHE A 34 -4.90 5.83 17.76
CA PHE A 34 -4.50 4.49 17.24
C PHE A 34 -3.88 3.69 18.40
N THR A 35 -4.07 2.36 18.40
CA THR A 35 -3.55 1.51 19.52
C THR A 35 -2.26 0.74 19.16
N ALA A 36 -2.06 0.43 17.86
CA ALA A 36 -1.00 -0.50 17.51
C ALA A 36 -0.45 -0.15 16.13
N ILE A 37 0.79 -0.62 15.89
CA ILE A 37 1.52 -0.38 14.65
C ILE A 37 2.25 -1.65 14.20
N ARG A 38 2.41 -1.82 12.88
CA ARG A 38 3.38 -2.77 12.33
C ARG A 38 4.38 -1.97 11.50
N LYS A 39 5.64 -2.33 11.62
CA LYS A 39 6.72 -1.70 10.82
C LYS A 39 6.95 -2.51 9.53
N THR A 40 7.35 -1.81 8.47
CA THR A 40 7.70 -2.39 7.18
C THR A 40 9.17 -2.03 6.88
N LYS A 41 9.84 -2.94 6.19
CA LYS A 41 11.25 -2.71 5.75
C LYS A 41 11.37 -1.51 4.79
N GLY A 42 12.34 -0.63 5.06
CA GLY A 42 12.63 0.53 4.21
C GLY A 42 13.57 0.15 3.09
N ASP A 43 12.96 -0.40 2.02
CA ASP A 43 13.73 -0.84 0.83
C ASP A 43 13.28 -0.15 -0.47
N ARG A 44 12.47 0.90 -0.37
CA ARG A 44 11.89 1.60 -1.53
C ARG A 44 10.56 1.01 -1.99
N ASN A 45 10.14 -0.17 -1.46
CA ASN A 45 8.92 -0.87 -1.87
C ASN A 45 7.81 -0.78 -0.81
N CYS A 46 8.09 -0.07 0.29
CA CYS A 46 7.26 -0.19 1.46
C CYS A 46 5.81 0.28 1.25
N PHE A 47 5.50 1.25 0.38
CA PHE A 47 4.08 1.59 0.11
C PHE A 47 3.28 0.40 -0.42
N TYR A 48 3.80 -0.22 -1.49
CA TYR A 48 3.09 -1.33 -2.15
C TYR A 48 2.94 -2.50 -1.17
N ARG A 49 4.04 -2.83 -0.50
CA ARG A 49 4.04 -3.97 0.43
C ARG A 49 3.05 -3.70 1.57
N ALA A 50 3.07 -2.48 2.16
CA ALA A 50 2.18 -2.17 3.33
C ALA A 50 0.70 -2.17 2.89
N LEU A 51 0.42 -1.53 1.74
CA LEU A 51 -0.99 -1.47 1.28
C LEU A 51 -1.54 -2.88 0.96
N GLY A 52 -0.75 -3.68 0.24
CA GLY A 52 -1.12 -5.02 -0.07
C GLY A 52 -1.47 -5.84 1.16
N TYR A 53 -0.54 -5.86 2.11
CA TYR A 53 -0.74 -6.72 3.35
C TYR A 53 -1.97 -6.21 4.13
N SER A 54 -2.01 -4.88 4.40
CA SER A 54 -3.01 -4.33 5.28
CA SER A 54 -3.03 -4.34 5.29
C SER A 54 -4.42 -4.46 4.68
N TYR A 55 -4.57 -4.24 3.38
CA TYR A 55 -5.90 -4.38 2.75
C TYR A 55 -6.35 -5.84 2.80
N LEU A 56 -5.48 -6.78 2.44
CA LEU A 56 -5.91 -8.21 2.45
C LEU A 56 -6.20 -8.67 3.89
N GLU A 57 -5.43 -8.19 4.87
CA GLU A 57 -5.67 -8.48 6.32
C GLU A 57 -7.09 -8.02 6.72
N SER A 58 -7.50 -6.84 6.22
CA SER A 58 -8.82 -6.26 6.53
C SER A 58 -9.99 -7.08 5.95
N LEU A 59 -9.71 -7.92 4.93
CA LEU A 59 -10.78 -8.76 4.28
C LEU A 59 -11.01 -10.09 5.00
N LEU A 60 -10.10 -10.52 5.86
CA LEU A 60 -10.17 -11.87 6.46
C LEU A 60 -11.55 -12.05 7.13
N GLY A 61 -12.20 -13.15 6.78
CA GLY A 61 -13.50 -13.55 7.42
C GLY A 61 -14.73 -12.88 6.77
N LYS A 62 -14.56 -11.96 5.81
CA LYS A 62 -15.67 -11.17 5.21
C LYS A 62 -16.01 -11.75 3.83
N SER A 63 -16.97 -12.69 3.78
CA SER A 63 -17.19 -13.50 2.58
C SER A 63 -17.68 -12.66 1.40
N ARG A 64 -18.59 -11.69 1.57
CA ARG A 64 -19.10 -10.94 0.40
C ARG A 64 -17.99 -10.05 -0.17
N GLU A 65 -17.24 -9.42 0.72
CA GLU A 65 -16.18 -8.47 0.36
C GLU A 65 -15.04 -9.22 -0.39
N ILE A 66 -14.67 -10.43 0.05
CA ILE A 66 -13.70 -11.27 -0.64
C ILE A 66 -14.22 -11.63 -2.04
N PHE A 67 -15.48 -12.05 -2.15
CA PHE A 67 -16.06 -12.44 -3.49
C PHE A 67 -15.94 -11.26 -4.47
N LYS A 68 -16.30 -10.05 -4.03
CA LYS A 68 -16.28 -8.82 -4.88
C LYS A 68 -14.83 -8.46 -5.25
N PHE A 69 -13.88 -8.56 -4.30
CA PHE A 69 -12.48 -8.22 -4.61
C PHE A 69 -11.90 -9.21 -5.61
N LYS A 70 -12.12 -10.53 -5.38
CA LYS A 70 -11.65 -11.56 -6.33
C LYS A 70 -12.17 -11.31 -7.77
N GLU A 71 -13.45 -10.94 -7.89
CA GLU A 71 -14.08 -10.61 -9.20
C GLU A 71 -13.27 -9.47 -9.87
N ARG A 72 -12.90 -8.43 -9.10
CA ARG A 72 -12.13 -7.30 -9.71
C ARG A 72 -10.71 -7.79 -10.12
N VAL A 73 -10.05 -8.55 -9.22
CA VAL A 73 -8.67 -9.04 -9.50
C VAL A 73 -8.64 -9.88 -10.78
N LEU A 74 -9.68 -10.74 -10.99
CA LEU A 74 -9.75 -11.55 -12.24
C LEU A 74 -9.74 -10.69 -13.53
N GLN A 75 -10.24 -9.45 -13.43
CA GLN A 75 -10.28 -8.55 -14.60
C GLN A 75 -8.98 -7.75 -14.79
N THR A 76 -8.07 -7.68 -13.81
CA THR A 76 -6.89 -6.80 -13.93
C THR A 76 -5.97 -7.20 -15.11
N PRO A 77 -5.84 -8.48 -15.56
CA PRO A 77 -5.05 -8.73 -16.77
C PRO A 77 -5.50 -7.85 -17.96
N ASN A 78 -6.80 -7.58 -18.06
CA ASN A 78 -7.32 -6.77 -19.19
C ASN A 78 -6.83 -5.32 -19.08
N ASP A 79 -6.66 -4.80 -17.84
CA ASP A 79 -6.09 -3.41 -17.66
C ASP A 79 -4.65 -3.42 -18.19
N LEU A 80 -3.88 -4.48 -17.83
CA LEU A 80 -2.43 -4.57 -18.22
C LEU A 80 -2.32 -4.69 -19.75
N LEU A 81 -3.19 -5.51 -20.37
CA LEU A 81 -3.15 -5.70 -21.86
C LEU A 81 -3.50 -4.38 -22.57
N ALA A 82 -4.51 -3.64 -22.07
CA ALA A 82 -4.96 -2.41 -22.70
C ALA A 82 -3.87 -1.32 -22.68
N ALA A 83 -2.93 -1.39 -21.70
CA ALA A 83 -1.85 -0.40 -21.55
C ALA A 83 -0.59 -0.84 -22.29
N GLY A 84 -0.66 -2.00 -22.89
CA GLY A 84 0.45 -2.52 -23.73
C GLY A 84 1.41 -3.52 -23.08
N PHE A 85 1.11 -3.99 -21.88
CA PHE A 85 1.92 -5.04 -21.26
C PHE A 85 1.54 -6.38 -21.91
N GLU A 86 2.52 -7.29 -21.97
CA GLU A 86 2.31 -8.59 -22.64
C GLU A 86 2.08 -9.69 -21.58
N GLU A 87 1.12 -10.60 -21.86
CA GLU A 87 0.66 -11.63 -20.90
C GLU A 87 1.82 -12.50 -20.47
N HIS A 88 2.66 -12.95 -21.42
CA HIS A 88 3.72 -13.85 -21.02
C HIS A 88 4.72 -13.14 -20.09
N LYS A 89 4.79 -11.80 -20.12
CA LYS A 89 5.70 -11.07 -19.22
C LYS A 89 5.08 -10.70 -17.85
N PHE A 90 3.75 -10.62 -17.69
CA PHE A 90 3.14 -10.29 -16.37
C PHE A 90 2.57 -11.53 -15.69
N ARG A 91 2.50 -12.66 -16.43
CA ARG A 91 1.83 -13.94 -15.95
C ARG A 91 2.35 -14.30 -14.53
N ASN A 92 3.67 -14.33 -14.34
CA ASN A 92 4.26 -14.84 -13.06
C ASN A 92 3.83 -13.94 -11.87
N PHE A 93 3.71 -12.63 -12.13
CA PHE A 93 3.37 -11.61 -11.10
C PHE A 93 1.86 -11.64 -10.79
N PHE A 94 1.02 -11.72 -11.83
CA PHE A 94 -0.42 -11.85 -11.66
C PHE A 94 -0.72 -13.13 -10.85
N ASN A 95 -0.10 -14.23 -11.21
CA ASN A 95 -0.43 -15.52 -10.56
C ASN A 95 -0.07 -15.45 -9.06
N ALA A 96 1.03 -14.80 -8.70
CA ALA A 96 1.40 -14.64 -7.28
C ALA A 96 0.36 -13.83 -6.49
N PHE A 97 -0.14 -12.75 -7.11
CA PHE A 97 -1.17 -11.95 -6.41
C PHE A 97 -2.50 -12.73 -6.31
N TYR A 98 -2.95 -13.40 -7.40
CA TYR A 98 -4.20 -14.15 -7.35
C TYR A 98 -4.09 -15.23 -6.27
N SER A 99 -2.91 -15.87 -6.18
CA SER A 99 -2.66 -16.90 -5.16
C SER A 99 -2.91 -16.38 -3.73
N VAL A 100 -2.38 -15.19 -3.39
CA VAL A 100 -2.53 -14.71 -2.01
C VAL A 100 -3.99 -14.30 -1.76
N VAL A 101 -4.71 -13.81 -2.79
CA VAL A 101 -6.13 -13.57 -2.64
C VAL A 101 -6.91 -14.88 -2.34
N GLU A 102 -6.57 -15.97 -3.02
CA GLU A 102 -7.21 -17.29 -2.71
C GLU A 102 -6.87 -17.72 -1.27
N LEU A 103 -5.65 -17.37 -0.79
CA LEU A 103 -5.24 -17.74 0.61
C LEU A 103 -6.19 -17.04 1.60
N VAL A 104 -6.46 -15.78 1.35
CA VAL A 104 -7.38 -15.01 2.20
C VAL A 104 -8.75 -15.72 2.29
N GLU A 105 -9.26 -16.23 1.17
CA GLU A 105 -10.53 -16.93 1.11
C GLU A 105 -10.44 -18.30 1.83
N LYS A 106 -9.43 -19.12 1.50
CA LYS A 106 -9.44 -20.58 1.86
C LYS A 106 -8.84 -20.82 3.27
N ASP A 107 -7.73 -20.18 3.57
CA ASP A 107 -7.02 -20.37 4.84
C ASP A 107 -7.59 -19.38 5.85
N GLY A 108 -7.55 -18.11 5.51
CA GLY A 108 -8.20 -17.05 6.30
C GLY A 108 -7.49 -16.67 7.61
N SER A 109 -6.24 -17.09 7.84
CA SER A 109 -5.49 -16.69 9.10
C SER A 109 -4.54 -15.50 8.87
N VAL A 110 -4.35 -14.69 9.92
CA VAL A 110 -3.32 -13.64 9.92
C VAL A 110 -1.93 -14.30 9.75
N SER A 111 -1.70 -15.40 10.46
CA SER A 111 -0.37 -15.98 10.50
CA SER A 111 -0.37 -16.02 10.51
C SER A 111 0.08 -16.43 9.10
N SER A 112 -0.84 -17.02 8.32
CA SER A 112 -0.49 -17.51 6.96
CA SER A 112 -0.53 -17.51 6.96
C SER A 112 -0.27 -16.34 5.99
N LEU A 113 -1.11 -15.31 6.10
CA LEU A 113 -0.97 -14.08 5.24
C LEU A 113 0.38 -13.38 5.55
N LEU A 114 0.72 -13.22 6.84
CA LEU A 114 2.01 -12.57 7.22
C LEU A 114 3.22 -13.40 6.72
N LYS A 115 3.13 -14.73 6.74
CA LYS A 115 4.24 -15.57 6.18
C LYS A 115 4.45 -15.30 4.69
N VAL A 116 3.39 -15.21 3.89
CA VAL A 116 3.59 -14.94 2.42
C VAL A 116 4.29 -13.56 2.29
N PHE A 117 3.80 -12.53 3.00
CA PHE A 117 4.36 -11.17 2.82
C PHE A 117 5.78 -11.04 3.41
N ASN A 118 6.23 -11.96 4.30
CA ASN A 118 7.64 -12.03 4.75
C ASN A 118 8.53 -13.02 3.93
N ASP A 119 7.95 -13.73 2.96
CA ASP A 119 8.66 -14.61 1.97
C ASP A 119 9.21 -13.69 0.87
N GLN A 120 10.54 -13.51 0.80
CA GLN A 120 11.11 -12.48 -0.09
C GLN A 120 10.62 -12.69 -1.52
N SER A 121 10.59 -13.95 -1.98
CA SER A 121 10.18 -14.28 -3.33
C SER A 121 8.69 -13.97 -3.56
N ALA A 122 7.80 -14.55 -2.76
CA ALA A 122 6.34 -14.31 -3.00
C ALA A 122 6.04 -12.81 -2.87
N SER A 123 6.58 -12.19 -1.83
CA SER A 123 6.30 -10.81 -1.48
C SER A 123 6.78 -9.85 -2.60
N ASP A 124 7.99 -10.03 -3.10
CA ASP A 124 8.49 -9.23 -4.21
C ASP A 124 7.70 -9.46 -5.50
N HIS A 125 7.23 -10.68 -5.77
CA HIS A 125 6.38 -10.92 -6.92
C HIS A 125 5.05 -10.12 -6.80
N ILE A 126 4.43 -10.12 -5.60
CA ILE A 126 3.25 -9.32 -5.29
C ILE A 126 3.52 -7.81 -5.51
N VAL A 127 4.61 -7.28 -4.96
CA VAL A 127 4.94 -5.88 -5.14
C VAL A 127 5.10 -5.56 -6.65
N GLN A 128 5.83 -6.40 -7.42
CA GLN A 128 6.02 -6.12 -8.85
C GLN A 128 4.67 -6.10 -9.60
N PHE A 129 3.76 -7.01 -9.22
CA PHE A 129 2.35 -6.99 -9.82
C PHE A 129 1.67 -5.64 -9.54
N LEU A 130 1.74 -5.20 -8.28
CA LEU A 130 1.06 -3.96 -7.88
C LEU A 130 1.67 -2.76 -8.64
N ARG A 131 2.99 -2.78 -8.85
CA ARG A 131 3.62 -1.68 -9.58
C ARG A 131 3.16 -1.69 -11.07
N LEU A 132 3.06 -2.88 -11.70
CA LEU A 132 2.62 -2.94 -13.15
C LEU A 132 1.16 -2.47 -13.27
N LEU A 133 0.30 -2.85 -12.30
CA LEU A 133 -1.13 -2.44 -12.31
C LEU A 133 -1.21 -0.91 -12.15
N THR A 134 -0.42 -0.35 -11.24
CA THR A 134 -0.40 1.11 -11.02
C THR A 134 -0.04 1.83 -12.34
N SER A 135 1.03 1.38 -12.98
CA SER A 135 1.48 1.91 -14.27
C SER A 135 0.38 1.80 -15.34
N ALA A 136 -0.24 0.62 -15.49
CA ALA A 136 -1.35 0.44 -16.46
C ALA A 136 -2.51 1.43 -16.22
N PHE A 137 -2.92 1.55 -14.95
CA PHE A 137 -4.07 2.39 -14.60
C PHE A 137 -3.82 3.84 -14.97
N ILE A 138 -2.59 4.34 -14.75
CA ILE A 138 -2.21 5.73 -15.07
C ILE A 138 -2.17 5.89 -16.58
N ARG A 139 -1.54 4.93 -17.28
CA ARG A 139 -1.36 5.00 -18.77
C ARG A 139 -2.73 5.04 -19.45
N ASN A 140 -3.66 4.26 -18.96
CA ASN A 140 -4.99 4.09 -19.61
C ASN A 140 -5.88 5.31 -19.33
N ARG A 141 -5.47 6.11 -18.32
CA ARG A 141 -6.21 7.34 -17.95
C ARG A 141 -5.29 8.59 -17.93
N ALA A 142 -4.42 8.68 -18.92
CA ALA A 142 -3.39 9.74 -18.94
C ALA A 142 -4.01 11.13 -18.88
N ASP A 143 -5.12 11.35 -19.56
CA ASP A 143 -5.76 12.71 -19.61
C ASP A 143 -6.22 13.12 -18.21
N PHE A 144 -6.69 12.14 -17.38
CA PHE A 144 -7.16 12.39 -15.98
C PHE A 144 -6.00 12.80 -15.07
N PHE A 145 -4.86 12.10 -15.18
CA PHE A 145 -3.67 12.47 -14.39
C PHE A 145 -3.09 13.85 -14.89
N ARG A 146 -2.97 14.05 -16.21
CA ARG A 146 -2.68 15.46 -16.72
C ARG A 146 -3.76 16.51 -16.30
N HIS A 147 -5.07 16.20 -16.31
CA HIS A 147 -6.10 17.26 -16.06
C HIS A 147 -6.04 17.66 -14.59
N PHE A 148 -6.00 16.66 -13.69
CA PHE A 148 -6.25 16.89 -12.28
C PHE A 148 -4.94 17.01 -11.48
N ILE A 149 -3.83 16.47 -12.03
CA ILE A 149 -2.54 16.40 -11.24
C ILE A 149 -1.53 17.39 -11.83
N ASP A 150 -1.23 17.29 -13.12
CA ASP A 150 -0.14 18.13 -13.70
C ASP A 150 -0.16 18.13 -15.24
N GLU A 151 -0.66 19.27 -15.79
CA GLU A 151 -0.91 19.46 -17.20
C GLU A 151 0.42 19.34 -17.96
N GLU A 152 1.57 19.58 -17.29
CA GLU A 152 2.88 19.66 -18.01
C GLU A 152 3.66 18.36 -17.98
N MET A 153 3.18 17.33 -17.21
CA MET A 153 4.02 16.16 -16.93
C MET A 153 3.97 15.22 -18.13
N ASP A 154 5.09 14.48 -18.30
CA ASP A 154 5.23 13.40 -19.32
C ASP A 154 4.86 11.99 -18.77
N ILE A 155 3.62 11.55 -19.04
CA ILE A 155 3.00 10.39 -18.31
C ILE A 155 3.76 9.09 -18.59
N LYS A 156 4.12 8.83 -19.86
CA LYS A 156 4.78 7.56 -20.18
C LYS A 156 6.17 7.43 -19.51
N ASP A 157 6.95 8.52 -19.59
CA ASP A 157 8.27 8.59 -18.96
C ASP A 157 8.19 8.43 -17.43
N PHE A 158 7.21 9.10 -16.83
CA PHE A 158 6.97 8.98 -15.37
C PHE A 158 6.71 7.51 -14.98
N CYS A 159 5.87 6.84 -15.73
CA CYS A 159 5.54 5.44 -15.36
C CYS A 159 6.77 4.51 -15.53
N THR A 160 7.53 4.73 -16.62
CA THR A 160 8.73 3.96 -16.92
C THR A 160 9.80 4.09 -15.82
N HIS A 161 9.94 5.31 -15.25
CA HIS A 161 11.08 5.62 -14.36
C HIS A 161 10.72 5.57 -12.84
N GLU A 162 9.45 5.86 -12.48
CA GLU A 162 9.08 6.15 -11.10
C GLU A 162 7.90 5.27 -10.62
N VAL A 163 7.45 4.31 -11.44
CA VAL A 163 6.36 3.38 -11.03
C VAL A 163 6.79 1.93 -11.22
N GLU A 164 7.19 1.56 -12.46
CA GLU A 164 7.49 0.15 -12.81
C GLU A 164 8.70 -0.45 -12.08
N PRO A 165 9.85 0.26 -11.97
CA PRO A 165 11.03 -0.35 -11.39
C PRO A 165 10.87 -0.61 -9.88
N MET A 166 11.35 -1.77 -9.42
CA MET A 166 11.45 -2.00 -7.99
C MET A 166 12.31 -0.92 -7.32
N ALA A 167 11.96 -0.63 -6.06
CA ALA A 167 12.65 0.29 -5.14
C ALA A 167 12.42 1.78 -5.42
N THR A 168 11.49 2.11 -6.34
CA THR A 168 11.18 3.54 -6.64
C THR A 168 10.11 4.03 -5.67
N GLU A 169 10.41 5.19 -5.09
CA GLU A 169 9.53 5.78 -4.04
C GLU A 169 8.29 6.39 -4.71
N CYS A 170 7.19 6.40 -3.97
CA CYS A 170 5.83 6.83 -4.36
CA CYS A 170 5.98 6.94 -4.60
C CYS A 170 5.64 8.31 -3.99
N ASP A 171 4.67 8.97 -4.61
CA ASP A 171 4.11 10.27 -4.25
C ASP A 171 2.58 10.15 -4.33
N HIS A 172 1.86 11.28 -4.28
CA HIS A 172 0.35 11.26 -4.36
C HIS A 172 -0.15 10.55 -5.63
N ILE A 173 0.54 10.66 -6.80
CA ILE A 173 -0.01 10.07 -8.01
C ILE A 173 -0.16 8.53 -7.88
N GLN A 174 0.90 7.83 -7.42
CA GLN A 174 0.92 6.40 -7.31
C GLN A 174 -0.13 5.97 -6.29
N ILE A 175 -0.19 6.64 -5.14
CA ILE A 175 -1.19 6.29 -4.09
C ILE A 175 -2.61 6.42 -4.64
N THR A 176 -2.90 7.54 -5.31
CA THR A 176 -4.23 7.73 -5.93
C THR A 176 -4.57 6.64 -6.96
N ALA A 177 -3.62 6.33 -7.84
CA ALA A 177 -3.84 5.37 -8.94
C ALA A 177 -4.02 3.96 -8.40
N LEU A 178 -3.17 3.51 -7.45
CA LEU A 178 -3.40 2.10 -6.94
C LEU A 178 -4.67 1.97 -6.10
N SER A 179 -5.00 2.99 -5.29
CA SER A 179 -6.33 3.09 -4.62
C SER A 179 -7.51 2.90 -5.62
N GLN A 180 -7.51 3.70 -6.70
CA GLN A 180 -8.54 3.62 -7.73
C GLN A 180 -8.55 2.24 -8.46
N ALA A 181 -7.35 1.70 -8.75
CA ALA A 181 -7.22 0.47 -9.55
C ALA A 181 -7.82 -0.74 -8.82
N LEU A 182 -7.80 -0.76 -7.49
CA LEU A 182 -8.28 -1.91 -6.70
C LEU A 182 -9.46 -1.54 -5.76
N SER A 183 -10.00 -0.33 -5.89
CA SER A 183 -11.09 0.19 -5.08
C SER A 183 -10.77 0.11 -3.58
N ILE A 184 -9.51 0.45 -3.20
CA ILE A 184 -9.04 0.40 -1.81
C ILE A 184 -9.11 1.82 -1.26
N ALA A 185 -9.91 2.02 -0.22
CA ALA A 185 -9.93 3.29 0.50
C ALA A 185 -8.88 3.30 1.61
N LEU A 186 -8.03 4.34 1.64
CA LEU A 186 -6.95 4.41 2.65
C LEU A 186 -6.81 5.84 3.19
N GLN A 187 -6.31 5.89 4.43
CA GLN A 187 -5.98 7.16 5.12
C GLN A 187 -4.48 7.12 5.49
N VAL A 188 -3.74 8.19 5.10
CA VAL A 188 -2.35 8.38 5.43
C VAL A 188 -2.21 9.52 6.44
N GLU A 189 -1.63 9.19 7.59
CA GLU A 189 -1.28 10.14 8.69
C GLU A 189 0.15 10.62 8.46
N TYR A 190 0.36 11.94 8.55
CA TYR A 190 1.70 12.53 8.26
C TYR A 190 2.37 13.00 9.55
N VAL A 191 3.58 12.47 9.85
CA VAL A 191 4.38 12.91 10.98
C VAL A 191 5.76 13.38 10.47
N ASP A 192 5.98 14.70 10.35
CA ASP A 192 7.26 15.31 9.93
C ASP A 192 7.83 16.04 11.13
N GLU A 193 9.03 16.64 11.01
CA GLU A 193 9.65 17.30 12.21
C GLU A 193 9.40 18.82 12.18
N MET A 194 8.38 19.30 11.46
CA MET A 194 8.03 20.69 11.56
C MET A 194 7.00 20.90 12.68
N ASP A 195 6.98 22.12 13.24
CA ASP A 195 6.17 22.40 14.42
C ASP A 195 4.74 22.73 14.00
N THR A 196 4.04 21.69 13.51
CA THR A 196 2.78 21.84 12.84
C THR A 196 1.75 20.85 13.41
N ALA A 197 0.47 20.96 13.01
CA ALA A 197 -0.53 20.00 13.42
C ALA A 197 -0.29 18.63 12.77
N LEU A 198 -0.47 17.57 13.59
CA LEU A 198 -0.63 16.19 13.01
C LEU A 198 -1.84 16.22 12.07
N ASN A 199 -1.73 15.68 10.86
CA ASN A 199 -2.77 15.82 9.81
C ASN A 199 -2.79 14.55 8.94
N HIS A 200 -3.85 14.40 8.13
CA HIS A 200 -4.03 13.18 7.28
C HIS A 200 -4.76 13.51 5.98
N HIS A 201 -4.68 12.56 5.03
CA HIS A 201 -5.40 12.65 3.71
C HIS A 201 -6.07 11.30 3.47
N VAL A 202 -7.30 11.33 2.93
CA VAL A 202 -8.08 10.14 2.60
C VAL A 202 -8.09 9.98 1.07
N PHE A 203 -7.82 8.76 0.59
CA PHE A 203 -7.85 8.39 -0.83
C PHE A 203 -8.89 7.29 -1.07
N PRO A 204 -10.00 7.52 -1.78
CA PRO A 204 -10.43 8.80 -2.34
C PRO A 204 -11.02 9.72 -1.27
N GLU A 205 -11.12 11.02 -1.56
CA GLU A 205 -11.72 11.99 -0.59
C GLU A 205 -13.12 11.47 -0.14
N ALA A 206 -13.39 11.57 1.16
CA ALA A 206 -14.70 11.31 1.73
C ALA A 206 -15.03 9.82 1.86
N ALA A 207 -14.13 8.89 1.52
CA ALA A 207 -14.38 7.46 1.68
C ALA A 207 -14.23 7.07 3.17
N THR A 208 -14.81 5.93 3.54
CA THR A 208 -14.52 5.29 4.83
C THR A 208 -13.32 4.38 4.63
N PRO A 209 -12.15 4.65 5.29
CA PRO A 209 -10.96 3.86 5.02
C PRO A 209 -11.02 2.41 5.49
N SER A 210 -10.38 1.52 4.72
CA SER A 210 -10.06 0.12 5.07
CA SER A 210 -10.14 0.17 5.23
C SER A 210 -8.74 0.05 5.82
N VAL A 211 -7.81 0.89 5.36
CA VAL A 211 -6.36 0.86 5.68
C VAL A 211 -5.96 2.23 6.25
N TYR A 212 -5.16 2.24 7.33
CA TYR A 212 -4.50 3.45 7.89
C TYR A 212 -2.99 3.24 7.82
N LEU A 213 -2.26 4.18 7.19
CA LEU A 213 -0.79 4.18 7.15
C LEU A 213 -0.22 5.41 7.83
N LEU A 214 0.96 5.24 8.43
CA LEU A 214 1.76 6.35 8.99
C LEU A 214 2.94 6.64 8.05
N TYR A 215 3.04 7.86 7.55
CA TYR A 215 4.17 8.29 6.71
C TYR A 215 5.11 9.19 7.54
N LYS A 216 6.35 8.68 7.77
CA LYS A 216 7.34 9.23 8.71
C LYS A 216 8.70 8.77 8.19
N THR A 217 9.66 9.70 8.12
CA THR A 217 11.03 9.49 7.62
C THR A 217 10.96 8.70 6.30
N SER A 218 10.07 9.13 5.39
CA SER A 218 9.88 8.64 3.96
C SER A 218 9.47 7.14 3.90
N HIS A 219 8.82 6.69 4.96
CA HIS A 219 8.54 5.27 5.34
CA HIS A 219 8.52 5.37 5.15
C HIS A 219 7.04 5.20 5.57
N TYR A 220 6.38 4.14 5.07
CA TYR A 220 4.93 3.85 5.36
C TYR A 220 4.86 2.63 6.30
N ASN A 221 4.38 2.86 7.53
CA ASN A 221 4.05 1.83 8.51
C ASN A 221 2.51 1.69 8.63
N ILE A 222 2.06 0.55 9.20
CA ILE A 222 0.64 0.22 9.26
C ILE A 222 0.06 0.53 10.65
N LEU A 223 -1.04 1.28 10.69
CA LEU A 223 -1.75 1.66 11.95
C LEU A 223 -3.05 0.84 12.13
N TYR A 224 -3.43 0.65 13.40
CA TYR A 224 -4.70 0.02 13.84
C TYR A 224 -5.42 0.99 14.78
N ALA A 225 -6.74 1.18 14.57
CA ALA A 225 -7.64 2.11 15.32
C ALA A 225 -8.36 1.42 16.50
C4 J5G B . 13.78 4.40 3.38
C5 J5G B . 15.01 4.80 4.09
N1 J5G B . 12.62 2.99 2.06
O J5G B . 10.38 1.79 1.25
C1 J5G B . 9.81 2.80 1.69
C J5G B . 8.33 2.95 1.68
N J5G B . 10.47 3.77 2.36
C2 J5G B . 11.81 3.88 2.59
O1 J5G B . 13.89 3.32 2.57
C3 J5G B . 12.51 4.81 3.39
C1 PEG C . 12.24 -10.27 -10.91
O1 PEG C . 11.66 -9.66 -12.09
C2 PEG C . 11.70 -11.63 -10.51
O2 PEG C . 11.58 -11.66 -9.01
C3 PEG C . 10.33 -11.16 -8.73
C4 PEG C . 10.08 -10.07 -7.77
O4 PEG C . 10.10 -8.70 -8.21
C1 EDO D . 11.16 -3.94 10.21
O1 EDO D . 10.65 -4.57 11.39
C2 EDO D . 10.20 -4.46 9.22
O2 EDO D . 9.89 -5.79 9.51
C1 EDO E . 4.52 -1.81 -21.68
O1 EDO E . 5.81 -1.34 -21.32
C2 EDO E . 4.12 -0.73 -22.50
O2 EDO E . 4.22 0.35 -21.51
C1 EDO F . -22.81 -4.40 5.23
O1 EDO F . -21.64 -4.56 5.96
C2 EDO F . -22.71 -5.40 4.07
O2 EDO F . -22.67 -4.85 2.78
#